data_1HHW
#
_entry.id   1HHW
#
_cell.length_a   1.000
_cell.length_b   1.000
_cell.length_c   1.000
_cell.angle_alpha   90.00
_cell.angle_beta   90.00
_cell.angle_gamma   90.00
#
_symmetry.space_group_name_H-M   'P 1'
#
loop_
_entity.id
_entity.type
_entity.pdbx_description
1 polymer '5- D(*CP*TP*GP*AP*+TLNP*AP*TP*GP*C) -3'
2 polymer '5- R(*GP*CP*AP*UP*AP*UP*CP*AP*G) -3'
#
loop_
_entity_poly.entity_id
_entity_poly.type
_entity_poly.pdbx_seq_one_letter_code
_entity_poly.pdbx_strand_id
1 'polydeoxyribonucleotide/polyribonucleotide hybrid' (DC)(DT)(DG)(DA)(TLN)(DA)(DT)(DG)(DC) A
2 'polyribonucleotide' GCAUAUCAG B
#